data_4G91
#
_entry.id   4G91
#
_cell.length_a   57.450
_cell.length_b   60.700
_cell.length_c   71.990
_cell.angle_alpha   90.00
_cell.angle_beta   90.00
_cell.angle_gamma   90.00
#
_symmetry.space_group_name_H-M   'P 21 21 21'
#
loop_
_entity.id
_entity.type
_entity.pdbx_description
1 polymer 'HAPB protein'
2 polymer 'Transcription factor HapC (Eurofung)'
3 polymer HapE
4 water water
#
loop_
_entity_poly.entity_id
_entity_poly.type
_entity_poly.pdbx_seq_one_letter_code
_entity_poly.pdbx_strand_id
1 'polypeptide(L)' MESPLYVNAKQFHRILKRRVARQKLEEQLRLTSKGRKPYLHESRHNHAMRRPRGPGGRFLTADE A
2 'polypeptide(L)'
;MKEQDRWLPIANVARIMKLALPENAKIAKEAKECMQECVSEFISFITSEASEKCQQEKRKTVNGEDILFAMTSLGFENYA
EALKIYLSKYRE
;
B
3 'polypeptide(L)'
;MGTWANVNQGLQGTARDILTTYWQHVINHLESDNHDYKIHQLPLARIKKVMKADPEVKMISAEAPILFAKGCDVFITELT
MRAWIHAEDNKRRTLQRSDIAAALSKSDMFDFLIDIVPR
;
C
#
# COMPACT_ATOMS: atom_id res chain seq x y z
N GLU A 2 -15.43 15.72 3.97
CA GLU A 2 -14.56 15.99 5.15
C GLU A 2 -14.55 14.78 6.11
N SER A 3 -15.72 14.40 6.60
CA SER A 3 -15.91 13.18 7.37
C SER A 3 -17.16 12.46 6.86
N PRO A 4 -17.02 11.59 5.85
CA PRO A 4 -18.19 10.90 5.27
C PRO A 4 -18.80 9.86 6.20
N LEU A 5 -20.11 9.68 6.10
CA LEU A 5 -20.79 8.62 6.87
C LEU A 5 -20.52 7.27 6.23
N TYR A 6 -20.67 7.20 4.91
CA TYR A 6 -20.38 6.00 4.14
C TYR A 6 -19.08 6.12 3.35
N VAL A 7 -18.22 5.13 3.53
CA VAL A 7 -16.97 5.03 2.79
C VAL A 7 -16.97 3.71 2.03
N ASN A 8 -15.91 3.44 1.27
CA ASN A 8 -15.77 2.21 0.50
C ASN A 8 -16.36 1.01 1.24
N ALA A 9 -17.43 0.42 0.68
CA ALA A 9 -18.16 -0.66 1.35
C ALA A 9 -17.27 -1.86 1.68
N LYS A 10 -16.26 -2.10 0.85
CA LYS A 10 -15.34 -3.22 1.06
C LYS A 10 -14.32 -2.95 2.17
N GLN A 11 -14.17 -1.68 2.55
CA GLN A 11 -13.15 -1.26 3.51
C GLN A 11 -13.67 -0.86 4.90
N PHE A 12 -14.96 -0.52 4.97
CA PHE A 12 -15.53 0.12 6.15
C PHE A 12 -15.28 -0.62 7.46
N HIS A 13 -15.63 -1.91 7.50
CA HIS A 13 -15.47 -2.70 8.71
C HIS A 13 -14.04 -2.90 9.13
N ARG A 14 -13.13 -3.05 8.15
CA ARG A 14 -11.71 -3.17 8.47
C ARG A 14 -11.14 -1.83 8.98
N ILE A 15 -11.67 -0.72 8.46
CA ILE A 15 -11.32 0.61 8.97
C ILE A 15 -11.68 0.74 10.45
N LEU A 16 -12.89 0.33 10.81
CA LEU A 16 -13.34 0.36 12.21
C LEU A 16 -12.46 -0.52 13.09
N LYS A 17 -12.15 -1.72 12.60
CA LYS A 17 -11.29 -2.66 13.33
C LYS A 17 -9.87 -2.11 13.51
N ARG A 18 -9.35 -1.45 12.48
CA ARG A 18 -8.03 -0.80 12.58
C ARG A 18 -8.03 0.37 13.56
N ARG A 19 -9.14 1.10 13.66
CA ARG A 19 -9.26 2.18 14.64
C ARG A 19 -9.15 1.67 16.08
N VAL A 20 -9.83 0.55 16.33
CA VAL A 20 -9.76 -0.13 17.64
C VAL A 20 -8.34 -0.61 17.94
N ALA A 21 -7.71 -1.24 16.94
CA ALA A 21 -6.36 -1.75 17.10
C ALA A 21 -5.37 -0.60 17.36
N ARG A 22 -5.56 0.52 16.66
CA ARG A 22 -4.67 1.68 16.80
C ARG A 22 -4.83 2.32 18.19
N GLN A 23 -6.05 2.41 18.68
CA GLN A 23 -6.32 2.91 20.03
C GLN A 23 -5.59 2.08 21.10
N LYS A 24 -5.62 0.75 20.95
CA LYS A 24 -4.91 -0.15 21.85
C LYS A 24 -3.40 0.09 21.82
N LEU A 25 -2.85 0.26 20.62
CA LEU A 25 -1.42 0.55 20.46
C LEU A 25 -1.03 1.89 21.07
N GLU A 26 -1.91 2.88 20.96
CA GLU A 26 -1.65 4.21 21.50
C GLU A 26 -1.72 4.25 23.03
N GLU A 27 -2.57 3.40 23.62
CA GLU A 27 -2.59 3.21 25.08
C GLU A 27 -1.24 2.68 25.56
N GLN A 28 -0.70 1.69 24.85
CA GLN A 28 0.63 1.14 25.13
C GLN A 28 1.74 2.19 24.99
N LEU A 29 1.53 3.13 24.06
CA LEU A 29 2.40 4.30 23.84
C LEU A 29 3.48 4.06 22.80
N LYS B 2 9.89 -1.73 19.70
CA LYS B 2 8.64 -2.40 19.24
C LYS B 2 7.62 -1.41 18.68
N GLU B 3 7.61 -0.19 19.21
CA GLU B 3 6.73 0.86 18.68
C GLU B 3 7.12 1.23 17.25
N GLN B 4 8.41 1.47 17.02
CA GLN B 4 8.93 1.83 15.69
C GLN B 4 8.70 0.75 14.62
N ASP B 5 8.41 -0.47 15.05
CA ASP B 5 8.06 -1.57 14.15
C ASP B 5 6.89 -1.26 13.23
N ARG B 6 6.00 -0.38 13.68
CA ARG B 6 4.76 -0.07 12.94
C ARG B 6 4.97 0.63 11.61
N TRP B 7 6.14 1.22 11.40
CA TRP B 7 6.39 2.00 10.19
C TRP B 7 7.63 1.58 9.48
N LEU B 8 7.51 1.50 8.15
CA LEU B 8 8.63 1.21 7.27
C LEU B 8 9.65 2.36 7.34
N PRO B 9 10.94 2.06 7.05
CA PRO B 9 11.95 3.12 7.18
C PRO B 9 11.72 4.24 6.15
N ILE B 10 11.78 5.49 6.63
CA ILE B 10 11.45 6.64 5.81
C ILE B 10 12.42 6.84 4.62
N ALA B 11 13.69 6.53 4.83
CA ALA B 11 14.70 6.66 3.77
C ALA B 11 14.38 5.79 2.56
N ASN B 12 13.91 4.58 2.81
CA ASN B 12 13.54 3.65 1.73
C ASN B 12 12.31 4.11 0.99
N VAL B 13 11.30 4.55 1.75
CA VAL B 13 10.06 5.11 1.20
C VAL B 13 10.36 6.32 0.31
N ALA B 14 11.17 7.24 0.82
CA ALA B 14 11.53 8.46 0.10
C ALA B 14 12.27 8.16 -1.19
N ARG B 15 13.09 7.11 -1.16
CA ARG B 15 13.87 6.68 -2.32
C ARG B 15 12.93 6.23 -3.44
N ILE B 16 11.91 5.45 -3.09
CA ILE B 16 10.91 4.99 -4.06
C ILE B 16 10.13 6.19 -4.61
N MET B 17 9.77 7.13 -3.73
CA MET B 17 9.10 8.37 -4.14
C MET B 17 9.92 9.16 -5.17
N LYS B 18 11.22 9.31 -4.92
CA LYS B 18 12.14 10.01 -5.82
C LYS B 18 12.13 9.39 -7.23
N LEU B 19 12.13 8.06 -7.29
CA LEU B 19 12.12 7.33 -8.56
C LEU B 19 10.79 7.44 -9.30
N ALA B 20 9.73 7.79 -8.56
CA ALA B 20 8.39 7.93 -9.11
C ALA B 20 8.16 9.31 -9.72
N LEU B 21 9.11 10.21 -9.50
CA LEU B 21 9.02 11.61 -9.89
C LEU B 21 10.11 11.97 -10.92
N PRO B 22 9.93 13.06 -11.67
CA PRO B 22 10.98 13.54 -12.58
C PRO B 22 12.20 14.02 -11.79
N GLU B 23 13.38 13.94 -12.41
CA GLU B 23 14.64 14.24 -11.72
C GLU B 23 14.70 15.60 -11.02
N ASN B 24 13.95 16.57 -11.55
CA ASN B 24 13.98 17.93 -11.02
C ASN B 24 13.03 18.18 -9.83
N ALA B 25 12.21 17.19 -9.50
CA ALA B 25 11.22 17.32 -8.43
C ALA B 25 11.85 17.33 -7.04
N LYS B 26 11.23 18.09 -6.13
CA LYS B 26 11.57 18.06 -4.72
C LYS B 26 10.42 17.42 -3.93
N ILE B 27 10.73 16.81 -2.80
CA ILE B 27 9.70 16.27 -1.92
C ILE B 27 9.82 16.92 -0.54
N ALA B 28 8.71 17.50 -0.08
CA ALA B 28 8.66 18.11 1.25
C ALA B 28 8.83 17.07 2.36
N LYS B 29 9.46 17.49 3.46
CA LYS B 29 9.60 16.67 4.66
C LYS B 29 8.27 16.00 5.02
N GLU B 30 7.20 16.78 5.07
CA GLU B 30 5.88 16.29 5.49
C GLU B 30 5.23 15.33 4.48
N ALA B 31 5.62 15.44 3.22
CA ALA B 31 5.15 14.52 2.18
C ALA B 31 5.80 13.14 2.33
N LYS B 32 7.11 13.13 2.60
CA LYS B 32 7.84 11.88 2.87
C LYS B 32 7.25 11.15 4.06
N GLU B 33 6.99 11.90 5.14
CA GLU B 33 6.43 11.35 6.38
C GLU B 33 5.02 10.84 6.19
N CYS B 34 4.20 11.61 5.48
CA CYS B 34 2.85 11.19 5.11
C CYS B 34 2.87 9.86 4.34
N MET B 35 3.74 9.77 3.33
CA MET B 35 3.83 8.55 2.51
C MET B 35 4.25 7.34 3.33
N GLN B 36 5.25 7.54 4.19
CA GLN B 36 5.70 6.50 5.11
C GLN B 36 4.51 5.96 5.90
N GLU B 37 3.69 6.86 6.43
CA GLU B 37 2.49 6.46 7.17
C GLU B 37 1.45 5.75 6.30
N CYS B 38 1.25 6.24 5.07
CA CYS B 38 0.26 5.63 4.17
C CYS B 38 0.60 4.18 3.79
N VAL B 39 1.84 3.96 3.36
CA VAL B 39 2.28 2.64 2.94
C VAL B 39 2.38 1.68 4.13
N SER B 40 2.73 2.20 5.30
CA SER B 40 2.73 1.39 6.52
C SER B 40 1.33 0.93 6.87
N GLU B 41 0.35 1.84 6.75
CA GLU B 41 -1.05 1.47 6.97
C GLU B 41 -1.55 0.46 5.92
N PHE B 42 -1.11 0.61 4.68
CA PHE B 42 -1.44 -0.36 3.61
C PHE B 42 -1.11 -1.79 4.06
N ILE B 43 0.10 -2.01 4.58
CA ILE B 43 0.48 -3.32 5.14
C ILE B 43 -0.44 -3.73 6.30
N SER B 44 -0.59 -2.87 7.30
CA SER B 44 -1.36 -3.21 8.51
C SER B 44 -2.84 -3.46 8.25
N PHE B 45 -3.41 -2.70 7.31
CA PHE B 45 -4.81 -2.77 6.95
C PHE B 45 -5.12 -4.14 6.30
N ILE B 46 -4.33 -4.48 5.29
CA ILE B 46 -4.46 -5.76 4.59
C ILE B 46 -4.11 -6.94 5.50
N THR B 47 -3.03 -6.81 6.26
CA THR B 47 -2.60 -7.86 7.18
C THR B 47 -3.70 -8.19 8.21
N SER B 48 -4.35 -7.15 8.73
CA SER B 48 -5.42 -7.33 9.72
C SER B 48 -6.57 -8.17 9.16
N GLU B 49 -6.98 -7.87 7.94
CA GLU B 49 -8.00 -8.63 7.22
C GLU B 49 -7.61 -10.11 7.08
N ALA B 50 -6.36 -10.35 6.64
CA ALA B 50 -5.85 -11.72 6.51
C ALA B 50 -5.77 -12.41 7.87
N SER B 51 -5.27 -11.68 8.86
CA SER B 51 -5.11 -12.21 10.21
C SER B 51 -6.44 -12.66 10.84
N GLU B 52 -7.49 -11.86 10.70
CA GLU B 52 -8.78 -12.23 11.29
C GLU B 52 -9.35 -13.48 10.64
N LYS B 53 -9.23 -13.58 9.32
CA LYS B 53 -9.66 -14.78 8.60
C LYS B 53 -8.89 -16.01 9.09
N CYS B 54 -7.58 -15.83 9.28
CA CYS B 54 -6.75 -16.87 9.86
C CYS B 54 -7.21 -17.29 11.26
N GLN B 55 -7.39 -16.31 12.15
CA GLN B 55 -7.89 -16.58 13.51
C GLN B 55 -9.24 -17.31 13.50
N GLN B 56 -10.18 -16.85 12.66
CA GLN B 56 -11.51 -17.46 12.56
C GLN B 56 -11.44 -18.92 12.11
N GLU B 57 -10.48 -19.22 11.26
CA GLU B 57 -10.32 -20.58 10.72
C GLU B 57 -9.37 -21.43 11.58
N LYS B 58 -8.88 -20.84 12.67
CA LYS B 58 -7.96 -21.49 13.62
C LYS B 58 -6.64 -21.92 12.97
N ARG B 59 -6.26 -21.20 11.93
CA ARG B 59 -4.99 -21.40 11.24
C ARG B 59 -3.91 -20.51 11.88
N LYS B 60 -2.66 -20.95 11.83
CA LYS B 60 -1.57 -20.28 12.54
C LYS B 60 -0.67 -19.41 11.67
N THR B 61 -0.65 -19.70 10.38
CA THR B 61 0.27 -19.05 9.47
C THR B 61 -0.49 -18.22 8.45
N VAL B 62 -0.15 -16.93 8.34
CA VAL B 62 -0.65 -16.13 7.23
C VAL B 62 0.29 -16.35 6.03
N ASN B 63 -0.26 -16.89 4.95
CA ASN B 63 0.55 -17.15 3.76
C ASN B 63 0.23 -16.19 2.62
N GLY B 64 0.88 -16.40 1.47
CA GLY B 64 0.72 -15.53 0.31
C GLY B 64 -0.71 -15.44 -0.19
N GLU B 65 -1.39 -16.58 -0.27
CA GLU B 65 -2.79 -16.63 -0.72
C GLU B 65 -3.69 -15.82 0.20
N ASP B 66 -3.41 -15.84 1.50
CA ASP B 66 -4.15 -15.04 2.48
C ASP B 66 -4.03 -13.54 2.20
N ILE B 67 -2.86 -13.08 1.79
CA ILE B 67 -2.66 -11.66 1.48
C ILE B 67 -3.45 -11.28 0.23
N LEU B 68 -3.34 -12.12 -0.81
CA LEU B 68 -4.08 -11.90 -2.05
C LEU B 68 -5.59 -11.89 -1.81
N PHE B 69 -6.08 -12.86 -1.02
CA PHE B 69 -7.50 -12.92 -0.67
C PHE B 69 -7.98 -11.65 0.03
N ALA B 70 -7.20 -11.21 1.04
CA ALA B 70 -7.49 -9.97 1.76
C ALA B 70 -7.49 -8.77 0.83
N MET B 71 -6.51 -8.72 -0.07
CA MET B 71 -6.43 -7.64 -1.06
C MET B 71 -7.70 -7.54 -1.90
N THR B 72 -8.18 -8.67 -2.43
CA THR B 72 -9.43 -8.59 -3.19
C THR B 72 -10.64 -8.26 -2.31
N SER B 73 -10.71 -8.82 -1.10
CA SER B 73 -11.82 -8.51 -0.17
C SER B 73 -11.94 -7.02 0.15
N LEU B 74 -10.78 -6.36 0.24
CA LEU B 74 -10.71 -4.97 0.67
C LEU B 74 -10.72 -3.97 -0.48
N GLY B 75 -10.93 -4.46 -1.70
CA GLY B 75 -11.05 -3.57 -2.86
C GLY B 75 -9.73 -3.18 -3.50
N PHE B 76 -8.71 -4.02 -3.30
CA PHE B 76 -7.44 -3.87 -4.03
C PHE B 76 -7.31 -4.98 -5.05
N GLU B 77 -8.35 -5.17 -5.88
CA GLU B 77 -8.42 -6.29 -6.83
C GLU B 77 -7.27 -6.30 -7.83
N ASN B 78 -6.84 -5.11 -8.24
CA ASN B 78 -5.73 -4.98 -9.18
C ASN B 78 -4.40 -5.45 -8.59
N TYR B 79 -4.14 -5.10 -7.32
CA TYR B 79 -2.98 -5.60 -6.59
C TYR B 79 -3.02 -7.11 -6.46
N ALA B 80 -4.19 -7.65 -6.10
CA ALA B 80 -4.34 -9.09 -5.93
C ALA B 80 -4.07 -9.86 -7.23
N GLU B 81 -4.60 -9.34 -8.35
CA GLU B 81 -4.44 -10.01 -9.64
C GLU B 81 -2.99 -9.94 -10.13
N ALA B 82 -2.37 -8.77 -10.02
CA ALA B 82 -0.98 -8.58 -10.43
C ALA B 82 -0.03 -9.44 -9.60
N LEU B 83 -0.26 -9.49 -8.29
CA LEU B 83 0.64 -10.20 -7.39
C LEU B 83 0.44 -11.72 -7.40
N LYS B 84 -0.71 -12.18 -7.90
CA LYS B 84 -0.98 -13.61 -8.08
C LYS B 84 0.05 -14.22 -9.05
N ILE B 85 0.35 -13.45 -10.11
CA ILE B 85 1.43 -13.76 -11.06
C ILE B 85 2.75 -13.99 -10.32
N TYR B 86 3.14 -13.00 -9.51
CA TYR B 86 4.39 -13.00 -8.78
C TYR B 86 4.47 -14.17 -7.79
N LEU B 87 3.34 -14.45 -7.12
CA LEU B 87 3.28 -15.55 -6.15
C LEU B 87 3.47 -16.93 -6.80
N SER B 88 2.78 -17.18 -7.91
CA SER B 88 2.91 -18.49 -8.56
C SER B 88 4.32 -18.74 -9.10
N LYS B 89 4.96 -17.68 -9.61
CA LYS B 89 6.33 -17.73 -10.09
C LYS B 89 7.29 -18.07 -8.94
N TYR B 90 7.07 -17.43 -7.79
CA TYR B 90 7.88 -17.66 -6.60
C TYR B 90 7.77 -19.09 -6.08
N ARG B 91 6.64 -19.74 -6.35
CA ARG B 91 6.37 -21.11 -5.85
C ARG B 91 6.72 -22.23 -6.84
N GLU B 92 7.10 -21.88 -8.07
CA GLU B 92 7.44 -22.90 -9.07
C GLU B 92 8.87 -23.41 -8.93
N GLY C 2 -14.55 -4.11 -13.64
CA GLY C 2 -13.33 -4.87 -14.06
C GLY C 2 -12.31 -4.91 -12.95
N THR C 3 -11.42 -5.89 -13.01
CA THR C 3 -10.39 -6.07 -11.98
C THR C 3 -9.39 -4.91 -11.97
N TRP C 4 -9.35 -4.15 -13.06
CA TRP C 4 -8.37 -3.08 -13.23
C TRP C 4 -8.92 -1.70 -13.06
N ALA C 5 -10.15 -1.61 -12.54
CA ALA C 5 -10.83 -0.32 -12.33
C ALA C 5 -10.00 0.68 -11.49
N ASN C 6 -9.32 0.19 -10.46
CA ASN C 6 -8.51 1.03 -9.56
C ASN C 6 -7.33 1.73 -10.24
N VAL C 7 -6.86 1.16 -11.35
CA VAL C 7 -5.69 1.68 -12.07
C VAL C 7 -5.88 3.16 -12.46
N ASN C 8 -7.05 3.51 -12.98
CA ASN C 8 -7.27 4.91 -13.33
C ASN C 8 -8.51 5.58 -12.74
N GLN C 9 -9.08 4.97 -11.71
CA GLN C 9 -10.23 5.56 -11.01
C GLN C 9 -9.91 6.98 -10.55
N GLY C 10 -10.75 7.93 -10.96
CA GLY C 10 -10.63 9.33 -10.55
C GLY C 10 -9.61 10.12 -11.33
N LEU C 11 -9.08 9.53 -12.39
CA LEU C 11 -8.08 10.19 -13.23
C LEU C 11 -8.63 10.49 -14.62
N GLN C 12 -8.11 11.55 -15.23
CA GLN C 12 -8.53 11.98 -16.57
C GLN C 12 -7.32 12.28 -17.44
N GLY C 13 -7.53 12.23 -18.75
CA GLY C 13 -6.53 12.68 -19.73
C GLY C 13 -5.17 12.00 -19.65
N THR C 14 -4.12 12.83 -19.69
CA THR C 14 -2.74 12.35 -19.69
C THR C 14 -2.37 11.58 -18.42
N ALA C 15 -2.89 12.02 -17.29
CA ALA C 15 -2.65 11.34 -16.02
C ALA C 15 -3.19 9.91 -16.05
N ARG C 16 -4.38 9.75 -16.61
CA ARG C 16 -5.01 8.44 -16.82
C ARG C 16 -4.12 7.50 -17.64
N ASP C 17 -3.66 7.98 -18.79
CA ASP C 17 -2.78 7.21 -19.69
C ASP C 17 -1.48 6.79 -19.02
N ILE C 18 -0.87 7.70 -18.25
CA ILE C 18 0.41 7.42 -17.59
C ILE C 18 0.27 6.36 -16.49
N LEU C 19 -0.74 6.49 -15.63
CA LEU C 19 -0.93 5.49 -14.58
C LEU C 19 -1.28 4.10 -15.16
N THR C 20 -2.10 4.09 -16.20
CA THR C 20 -2.42 2.86 -16.93
C THR C 20 -1.15 2.20 -17.48
N THR C 21 -0.28 3.01 -18.08
CA THR C 21 0.98 2.54 -18.64
C THR C 21 1.92 2.04 -17.54
N TYR C 22 1.96 2.76 -16.41
CA TYR C 22 2.73 2.29 -15.26
C TYR C 22 2.26 0.90 -14.79
N TRP C 23 0.95 0.68 -14.72
CA TRP C 23 0.42 -0.62 -14.34
C TRP C 23 0.74 -1.72 -15.30
N GLN C 24 0.69 -1.41 -16.60
CA GLN C 24 1.12 -2.36 -17.62
C GLN C 24 2.60 -2.73 -17.44
N HIS C 25 3.42 -1.74 -17.10
CA HIS C 25 4.85 -1.94 -16.80
C HIS C 25 5.02 -2.85 -15.61
N VAL C 26 4.24 -2.60 -14.55
CA VAL C 26 4.25 -3.44 -13.35
C VAL C 26 3.89 -4.89 -13.70
N ILE C 27 2.78 -5.08 -14.39
CA ILE C 27 2.29 -6.40 -14.75
C ILE C 27 3.35 -7.17 -15.54
N ASN C 28 3.88 -6.55 -16.58
CA ASN C 28 4.94 -7.16 -17.39
C ASN C 28 6.16 -7.56 -16.56
N HIS C 29 6.55 -6.69 -15.62
CA HIS C 29 7.63 -7.00 -14.69
C HIS C 29 7.31 -8.20 -13.84
N LEU C 30 6.11 -8.25 -13.29
CA LEU C 30 5.73 -9.37 -12.41
C LEU C 30 5.64 -10.69 -13.17
N GLU C 31 5.26 -10.62 -14.45
CA GLU C 31 5.19 -11.81 -15.33
C GLU C 31 6.57 -12.31 -15.71
N SER C 32 7.58 -11.49 -15.49
CA SER C 32 8.96 -11.79 -15.85
C SER C 32 9.50 -13.00 -15.07
N ASP C 33 10.48 -13.68 -15.66
CA ASP C 33 11.30 -14.65 -14.95
C ASP C 33 12.51 -13.92 -14.36
N ASN C 34 13.45 -14.68 -13.79
CA ASN C 34 14.73 -14.13 -13.35
C ASN C 34 14.59 -13.10 -12.21
N HIS C 35 13.50 -13.19 -11.45
CA HIS C 35 13.31 -12.35 -10.27
C HIS C 35 14.34 -12.69 -9.23
N ASP C 36 14.94 -11.66 -8.64
CA ASP C 36 15.78 -11.85 -7.47
C ASP C 36 14.92 -11.57 -6.25
N TYR C 37 14.57 -12.63 -5.52
CA TYR C 37 13.73 -12.48 -4.33
C TYR C 37 14.50 -11.99 -3.11
N LYS C 38 15.78 -11.68 -3.29
CA LYS C 38 16.63 -11.16 -2.20
C LYS C 38 16.68 -9.63 -2.17
N ILE C 39 16.65 -9.02 -3.36
CA ILE C 39 16.81 -7.57 -3.49
C ILE C 39 15.46 -6.84 -3.55
N HIS C 40 15.25 -5.95 -2.59
CA HIS C 40 14.03 -5.13 -2.54
C HIS C 40 14.35 -3.74 -2.07
N GLN C 41 13.55 -2.78 -2.50
CA GLN C 41 13.70 -1.40 -2.05
C GLN C 41 13.33 -1.27 -0.57
N LEU C 42 12.43 -2.13 -0.10
CA LEU C 42 12.01 -2.16 1.30
C LEU C 42 12.43 -3.51 1.93
N PRO C 43 13.10 -3.47 3.11
CA PRO C 43 13.61 -4.73 3.66
C PRO C 43 12.50 -5.69 4.12
N LEU C 44 12.64 -6.95 3.74
CA LEU C 44 11.67 -7.99 4.12
C LEU C 44 11.45 -8.04 5.64
N ALA C 45 12.53 -7.87 6.39
CA ALA C 45 12.46 -7.88 7.86
C ALA C 45 11.62 -6.74 8.42
N ARG C 46 11.72 -5.56 7.83
CA ARG C 46 10.91 -4.41 8.28
C ARG C 46 9.44 -4.56 7.91
N ILE C 47 9.18 -5.10 6.73
CA ILE C 47 7.81 -5.45 6.33
C ILE C 47 7.21 -6.43 7.32
N LYS C 48 7.96 -7.48 7.65
CA LYS C 48 7.48 -8.51 8.59
C LYS C 48 7.22 -7.91 9.98
N LYS C 49 8.07 -6.97 10.39
CA LYS C 49 7.89 -6.26 11.66
C LYS C 49 6.61 -5.43 11.71
N VAL C 50 6.25 -4.79 10.60
CA VAL C 50 4.98 -4.06 10.52
C VAL C 50 3.82 -5.05 10.72
N MET C 51 3.90 -6.19 10.02
CA MET C 51 2.89 -7.24 10.15
C MET C 51 2.75 -7.74 11.59
N LYS C 52 3.89 -7.97 12.23
CA LYS C 52 3.91 -8.51 13.60
C LYS C 52 3.54 -7.50 14.68
N ALA C 53 3.45 -6.22 14.32
CA ALA C 53 2.96 -5.21 15.27
C ALA C 53 1.51 -5.47 15.66
N ASP C 54 0.83 -6.29 14.85
CA ASP C 54 -0.53 -6.70 15.10
C ASP C 54 -0.53 -7.94 16.00
N PRO C 55 -1.02 -7.81 17.25
CA PRO C 55 -0.93 -8.93 18.20
C PRO C 55 -1.75 -10.15 17.77
N GLU C 56 -2.66 -9.96 16.82
CA GLU C 56 -3.48 -11.05 16.30
C GLU C 56 -2.70 -11.97 15.33
N VAL C 57 -1.63 -11.43 14.76
CA VAL C 57 -0.81 -12.19 13.81
C VAL C 57 0.08 -13.17 14.57
N LYS C 58 0.11 -14.42 14.11
CA LYS C 58 0.97 -15.44 14.72
C LYS C 58 2.19 -15.69 13.82
N MET C 59 2.18 -16.78 13.05
CA MET C 59 3.27 -17.08 12.14
C MET C 59 3.02 -16.47 10.76
N ILE C 60 4.10 -16.13 10.06
CA ILE C 60 4.02 -15.52 8.74
C ILE C 60 4.89 -16.30 7.76
N SER C 61 4.27 -16.80 6.69
CA SER C 61 5.02 -17.44 5.61
C SER C 61 5.96 -16.43 4.97
N ALA C 62 7.11 -16.89 4.49
CA ALA C 62 8.04 -16.01 3.78
C ALA C 62 7.40 -15.36 2.54
N GLU C 63 6.40 -16.03 1.96
CA GLU C 63 5.64 -15.49 0.83
C GLU C 63 5.03 -14.10 1.10
N ALA C 64 4.52 -13.91 2.32
CA ALA C 64 3.76 -12.70 2.64
C ALA C 64 4.58 -11.40 2.59
N PRO C 65 5.73 -11.34 3.29
CA PRO C 65 6.55 -10.14 3.15
C PRO C 65 7.07 -9.93 1.71
N ILE C 66 7.34 -11.02 1.01
CA ILE C 66 7.76 -10.96 -0.39
C ILE C 66 6.69 -10.27 -1.27
N LEU C 67 5.43 -10.67 -1.09
CA LEU C 67 4.32 -10.01 -1.81
C LEU C 67 4.15 -8.55 -1.40
N PHE C 68 4.26 -8.26 -0.10
CA PHE C 68 4.16 -6.87 0.35
C PHE C 68 5.30 -5.99 -0.17
N ALA C 69 6.51 -6.55 -0.26
CA ALA C 69 7.67 -5.81 -0.77
C ALA C 69 7.34 -5.26 -2.14
N LYS C 70 6.78 -6.12 -2.98
CA LYS C 70 6.38 -5.75 -4.33
C LYS C 70 5.18 -4.80 -4.35
N GLY C 71 4.13 -5.17 -3.61
CA GLY C 71 2.92 -4.36 -3.54
C GLY C 71 3.17 -2.96 -2.99
N CYS C 72 4.04 -2.86 -1.98
CA CYS C 72 4.34 -1.55 -1.37
C CYS C 72 5.10 -0.63 -2.32
N ASP C 73 6.03 -1.19 -3.10
CA ASP C 73 6.72 -0.42 -4.15
C ASP C 73 5.70 0.19 -5.09
N VAL C 74 4.77 -0.65 -5.57
CA VAL C 74 3.72 -0.22 -6.48
C VAL C 74 2.83 0.84 -5.84
N PHE C 75 2.42 0.59 -4.59
CA PHE C 75 1.60 1.54 -3.85
C PHE C 75 2.26 2.91 -3.71
N ILE C 76 3.51 2.94 -3.26
CA ILE C 76 4.24 4.22 -3.11
C ILE C 76 4.32 4.92 -4.46
N THR C 77 4.70 4.18 -5.50
CA THR C 77 4.92 4.76 -6.82
C THR C 77 3.63 5.35 -7.38
N GLU C 78 2.54 4.57 -7.37
CA GLU C 78 1.30 5.06 -7.97
C GLU C 78 0.70 6.24 -7.20
N LEU C 79 0.77 6.19 -5.86
CA LEU C 79 0.26 7.31 -5.05
C LEU C 79 1.12 8.57 -5.24
N THR C 80 2.44 8.38 -5.31
CA THR C 80 3.36 9.50 -5.57
C THR C 80 3.06 10.11 -6.95
N MET C 81 2.91 9.27 -7.98
CA MET C 81 2.57 9.75 -9.31
C MET C 81 1.23 10.48 -9.32
N ARG C 82 0.23 9.95 -8.61
CA ARG C 82 -1.09 10.58 -8.50
C ARG C 82 -1.02 11.93 -7.78
N ALA C 83 -0.19 12.00 -6.74
CA ALA C 83 0.02 13.23 -6.00
C ALA C 83 0.72 14.30 -6.84
N TRP C 84 1.67 13.86 -7.67
CA TRP C 84 2.44 14.76 -8.53
C TRP C 84 1.59 15.58 -9.47
N ILE C 85 0.47 15.02 -9.90
CA ILE C 85 -0.49 15.73 -10.75
C ILE C 85 -0.91 17.08 -10.14
N HIS C 86 -1.19 17.06 -8.84
CA HIS C 86 -1.61 18.27 -8.11
C HIS C 86 -0.50 19.27 -7.94
N ALA C 87 0.72 18.80 -7.75
CA ALA C 87 1.88 19.69 -7.70
C ALA C 87 2.04 20.43 -9.03
N GLU C 88 1.95 19.69 -10.14
CA GLU C 88 2.08 20.28 -11.47
C GLU C 88 0.93 21.22 -11.82
N ASP C 89 -0.27 20.90 -11.33
CA ASP C 89 -1.46 21.75 -11.52
C ASP C 89 -1.33 23.09 -10.78
N ASN C 90 -0.54 23.11 -9.71
CA ASN C 90 -0.22 24.34 -8.98
C ASN C 90 1.09 24.97 -9.45
N LYS C 91 1.64 24.47 -10.55
CA LYS C 91 2.92 24.92 -11.10
C LYS C 91 4.02 24.90 -10.04
N ARG C 92 4.08 23.82 -9.26
CA ARG C 92 5.09 23.63 -8.23
C ARG C 92 6.00 22.48 -8.58
N ARG C 93 7.25 22.56 -8.16
CA ARG C 93 8.20 21.46 -8.34
C ARG C 93 8.44 20.65 -7.06
N THR C 94 7.82 21.11 -5.95
CA THR C 94 7.92 20.41 -4.67
C THR C 94 6.61 19.72 -4.30
N LEU C 95 6.66 18.39 -4.13
CA LEU C 95 5.51 17.61 -3.69
C LEU C 95 5.24 17.84 -2.22
N GLN C 96 4.00 18.21 -1.90
CA GLN C 96 3.62 18.51 -0.53
C GLN C 96 2.60 17.50 -0.01
N ARG C 97 2.37 17.51 1.31
CA ARG C 97 1.39 16.62 1.94
C ARG C 97 -0.01 16.82 1.34
N SER C 98 -0.39 18.08 1.12
CA SER C 98 -1.71 18.39 0.56
C SER C 98 -1.93 17.79 -0.83
N ASP C 99 -0.84 17.57 -1.57
CA ASP C 99 -0.91 16.89 -2.88
C ASP C 99 -1.30 15.42 -2.70
N ILE C 100 -0.73 14.77 -1.69
CA ILE C 100 -1.08 13.40 -1.37
C ILE C 100 -2.56 13.33 -0.93
N ALA C 101 -2.97 14.28 -0.10
CA ALA C 101 -4.36 14.36 0.37
C ALA C 101 -5.33 14.51 -0.78
N ALA C 102 -5.00 15.38 -1.73
CA ALA C 102 -5.81 15.58 -2.92
C ALA C 102 -5.91 14.30 -3.76
N ALA C 103 -4.77 13.62 -3.96
CA ALA C 103 -4.75 12.37 -4.73
C ALA C 103 -5.65 11.30 -4.10
N LEU C 104 -5.60 11.20 -2.77
CA LEU C 104 -6.38 10.20 -2.04
C LEU C 104 -7.88 10.37 -2.24
N SER C 105 -8.33 11.61 -2.30
CA SER C 105 -9.75 11.91 -2.42
C SER C 105 -10.32 11.59 -3.81
N LYS C 106 -9.45 11.28 -4.77
CA LYS C 106 -9.89 10.98 -6.13
C LYS C 106 -10.38 9.55 -6.31
N SER C 107 -10.02 8.65 -5.39
CA SER C 107 -10.39 7.24 -5.52
C SER C 107 -10.79 6.65 -4.17
N ASP C 108 -11.91 5.91 -4.15
CA ASP C 108 -12.37 5.28 -2.90
C ASP C 108 -11.50 4.09 -2.46
N MET C 109 -10.58 3.69 -3.32
CA MET C 109 -9.58 2.67 -2.96
C MET C 109 -8.75 3.15 -1.78
N PHE C 110 -8.63 4.47 -1.65
CA PHE C 110 -7.80 5.07 -0.60
C PHE C 110 -8.58 5.44 0.66
N ASP C 111 -9.85 5.04 0.75
CA ASP C 111 -10.67 5.38 1.92
C ASP C 111 -10.07 4.87 3.23
N PHE C 112 -9.34 3.76 3.16
CA PHE C 112 -8.68 3.20 4.35
C PHE C 112 -7.66 4.15 5.01
N LEU C 113 -7.27 5.19 4.28
CA LEU C 113 -6.31 6.17 4.78
C LEU C 113 -6.96 7.40 5.40
N ILE C 114 -8.27 7.36 5.59
CA ILE C 114 -8.99 8.53 6.12
C ILE C 114 -8.49 9.05 7.48
N ASP C 115 -7.97 8.14 8.31
CA ASP C 115 -7.45 8.52 9.63
C ASP C 115 -5.99 8.89 9.58
N ILE C 116 -5.31 8.42 8.55
CA ILE C 116 -3.89 8.72 8.35
C ILE C 116 -3.75 10.11 7.74
N VAL C 117 -4.59 10.40 6.74
CA VAL C 117 -4.59 11.70 6.08
C VAL C 117 -6.01 12.29 6.03
N PRO C 118 -6.46 12.89 7.15
CA PRO C 118 -7.76 13.56 7.14
C PRO C 118 -7.73 14.84 6.30
#